data_7G8E
#
_entry.id   7G8E
#
_cell.length_a   71.588
_cell.length_b   71.588
_cell.length_c   196.806
_cell.angle_alpha   90.000
_cell.angle_beta   90.000
_cell.angle_gamma   90.000
#
_symmetry.space_group_name_H-M   'P 43 21 2'
#
loop_
_entity.id
_entity.type
_entity.pdbx_description
1 polymer 'Transforming protein RhoA'
2 polymer 'Rho guanine nucleotide exchange factor 2'
3 non-polymer 'DIMETHYL SULFOXIDE'
4 non-polymer 'FORMIC ACID'
5 non-polymer 1-(1H-benzimidazol-2-yl)methanamine
6 water water
#
loop_
_entity_poly.entity_id
_entity_poly.type
_entity_poly.pdbx_seq_one_letter_code
_entity_poly.pdbx_strand_id
1 'polypeptide(L)'
;SMAAIRKKLVIVGDGACGKTCLLIVFSKDQFPEVYVPTVFENYVADIEVDGKQVELALWDTAGQEDYDRLRPLSYPDTDV
ILMCFSIDSPDSLENIPEKWTPEVKHFCPNVPIILVGNKKDLRNDEHTRRELAKMKQEPVKPEEGRDMANRIGAFGYMEC
SAKTKDGVREVFEMATRAALQARRG
;
A
2 'polypeptide(L)'
;SMEMDEKDFAADSWSLAVDSSFLQQHKKEVMKQQDVIYELIQTELHHVRTLKIMTRLFRTGMLEELHLEPGVVQGLFPCV
DELSDIHTRFLSQLLERRRQALCPGSTRNFVIHRLGDLLISQFSGPSAEQMCKTYSEFCSRHSKALKLYKELYARDKRFQ
QFIRKVTRPAVLKRHGVQECILLVTQRITKYPLLISRILQHSHGIEEERQDLTTALGLVKELLSNVDEGIYQLEKGARLQ
EIYNR
;
B
#
# COMPACT_ATOMS: atom_id res chain seq x y z
N ALA A 4 -16.43 9.57 -17.34
CA ALA A 4 -15.24 9.47 -16.49
C ALA A 4 -14.44 8.22 -16.79
N ILE A 5 -13.39 8.37 -17.58
CA ILE A 5 -12.50 7.27 -17.93
C ILE A 5 -11.61 6.93 -16.70
N ARG A 6 -11.20 5.67 -16.58
CA ARG A 6 -10.38 5.22 -15.48
C ARG A 6 -8.90 5.22 -15.90
N LYS A 7 -8.04 5.84 -15.10
CA LYS A 7 -6.60 5.90 -15.33
C LYS A 7 -5.87 5.45 -14.06
N LYS A 8 -4.67 4.90 -14.19
CA LYS A 8 -3.92 4.39 -13.04
C LYS A 8 -2.60 5.15 -12.89
N LEU A 9 -2.30 5.59 -11.67
CA LEU A 9 -1.08 6.32 -11.34
C LEU A 9 -0.30 5.51 -10.29
N VAL A 10 1.04 5.42 -10.46
CA VAL A 10 1.89 4.76 -9.47
C VAL A 10 3.02 5.74 -9.09
N ILE A 11 3.33 5.88 -7.79
CA ILE A 11 4.42 6.74 -7.38
CA ILE A 11 4.42 6.74 -7.36
C ILE A 11 5.61 5.87 -7.00
N VAL A 12 6.78 6.21 -7.57
CA VAL A 12 8.03 5.50 -7.31
CA VAL A 12 8.04 5.51 -7.40
C VAL A 12 9.05 6.47 -6.72
N GLY A 13 10.05 5.92 -6.04
CA GLY A 13 11.09 6.73 -5.42
C GLY A 13 11.67 6.10 -4.18
N ASP A 14 12.76 6.66 -3.65
CA ASP A 14 13.36 6.13 -2.43
C ASP A 14 12.41 6.22 -1.23
N GLY A 15 12.65 5.38 -0.22
CA GLY A 15 11.86 5.35 1.00
C GLY A 15 11.70 6.69 1.70
N ALA A 16 12.74 7.55 1.64
CA ALA A 16 12.65 8.86 2.29
C ALA A 16 12.21 10.00 1.37
N CYS A 17 11.66 9.70 0.19
CA CYS A 17 11.28 10.75 -0.76
C CYS A 17 9.95 11.45 -0.42
N GLY A 18 9.14 10.89 0.47
CA GLY A 18 7.87 11.48 0.87
C GLY A 18 6.69 11.10 0.00
N LYS A 19 6.79 10.01 -0.79
CA LYS A 19 5.70 9.60 -1.67
CA LYS A 19 5.69 9.60 -1.67
C LYS A 19 4.42 9.22 -0.90
N THR A 20 4.56 8.55 0.27
CA THR A 20 3.37 8.15 1.04
C THR A 20 2.60 9.35 1.52
N CYS A 21 3.29 10.32 2.10
CA CYS A 21 2.67 11.55 2.59
CA CYS A 21 2.63 11.53 2.59
C CYS A 21 1.98 12.34 1.47
N LEU A 22 2.62 12.38 0.29
CA LEU A 22 2.06 13.11 -0.87
C LEU A 22 0.68 12.51 -1.27
N LEU A 23 0.57 11.16 -1.36
CA LEU A 23 -0.67 10.47 -1.68
C LEU A 23 -1.77 10.75 -0.62
N ILE A 24 -1.39 10.66 0.66
CA ILE A 24 -2.31 10.94 1.79
C ILE A 24 -2.85 12.38 1.72
N VAL A 25 -1.95 13.35 1.57
CA VAL A 25 -2.37 14.77 1.53
C VAL A 25 -3.27 15.04 0.35
N PHE A 26 -2.92 14.52 -0.85
CA PHE A 26 -3.79 14.72 -2.01
C PHE A 26 -5.19 14.09 -1.80
N SER A 27 -5.24 12.81 -1.36
CA SER A 27 -6.50 12.10 -1.22
C SER A 27 -7.44 12.68 -0.16
N LYS A 28 -6.91 13.34 0.87
CA LYS A 28 -7.76 13.98 1.89
C LYS A 28 -7.94 15.50 1.65
N ASP A 29 -7.09 16.12 0.77
CA ASP A 29 -6.96 17.58 0.56
C ASP A 29 -6.74 18.23 1.93
N GLN A 30 -5.78 17.67 2.69
CA GLN A 30 -5.52 18.11 4.05
C GLN A 30 -4.27 17.40 4.58
N PHE A 31 -3.36 18.11 5.27
CA PHE A 31 -2.24 17.45 5.93
C PHE A 31 -2.83 17.07 7.30
N PRO A 32 -2.88 15.77 7.62
CA PRO A 32 -3.51 15.33 8.88
C PRO A 32 -3.14 16.11 10.14
N GLU A 33 -4.14 16.57 10.88
CA GLU A 33 -3.91 17.36 12.07
C GLU A 33 -3.64 16.51 13.30
N VAL A 34 -4.26 15.32 13.39
CA VAL A 34 -4.10 14.48 14.56
C VAL A 34 -3.10 13.33 14.36
N TYR A 35 -3.25 12.55 13.30
CA TYR A 35 -2.37 11.42 13.05
C TYR A 35 -2.01 11.31 11.58
N VAL A 36 -0.70 11.24 11.26
CA VAL A 36 -0.29 11.03 9.89
C VAL A 36 -0.17 9.52 9.71
N PRO A 37 -0.94 8.92 8.79
CA PRO A 37 -0.85 7.45 8.62
C PRO A 37 0.53 6.97 8.18
N THR A 38 0.90 5.78 8.62
CA THR A 38 2.15 5.13 8.26
C THR A 38 2.07 4.65 6.81
N VAL A 39 0.91 4.09 6.40
CA VAL A 39 0.77 3.48 5.09
C VAL A 39 -0.42 4.07 4.31
N PHE A 40 -0.45 3.82 2.99
CA PHE A 40 -1.53 4.23 2.11
C PHE A 40 -1.99 2.95 1.39
N GLU A 41 -3.30 2.63 1.41
CA GLU A 41 -3.79 1.42 0.73
C GLU A 41 -3.96 1.72 -0.79
N ASN A 42 -5.01 2.42 -1.17
CA ASN A 42 -5.28 2.89 -2.53
C ASN A 42 -6.38 3.94 -2.45
N TYR A 43 -6.66 4.62 -3.55
CA TYR A 43 -7.70 5.64 -3.59
C TYR A 43 -8.06 5.87 -5.05
N VAL A 44 -9.29 6.25 -5.32
CA VAL A 44 -9.72 6.59 -6.68
C VAL A 44 -10.18 8.04 -6.61
N ALA A 45 -9.38 8.96 -7.14
CA ALA A 45 -9.70 10.39 -7.09
C ALA A 45 -10.57 10.80 -8.28
N ASP A 46 -11.61 11.62 -8.06
CA ASP A 46 -12.41 12.17 -9.15
C ASP A 46 -11.76 13.52 -9.51
N ILE A 47 -11.17 13.61 -10.69
CA ILE A 47 -10.46 14.81 -11.11
CA ILE A 47 -10.50 14.83 -11.10
C ILE A 47 -11.01 15.33 -12.44
N GLU A 48 -11.21 16.65 -12.55
CA GLU A 48 -11.63 17.23 -13.82
CA GLU A 48 -11.64 17.25 -13.82
C GLU A 48 -10.52 18.17 -14.25
N VAL A 49 -9.86 17.83 -15.35
CA VAL A 49 -8.76 18.64 -15.83
C VAL A 49 -9.03 19.01 -17.27
N ASP A 50 -8.98 20.33 -17.56
CA ASP A 50 -9.22 20.89 -18.89
C ASP A 50 -10.53 20.38 -19.51
N GLY A 51 -11.58 20.31 -18.70
CA GLY A 51 -12.89 19.87 -19.17
C GLY A 51 -13.10 18.37 -19.26
N LYS A 52 -12.10 17.57 -18.87
CA LYS A 52 -12.22 16.11 -18.93
C LYS A 52 -12.30 15.46 -17.55
N GLN A 53 -13.34 14.64 -17.33
CA GLN A 53 -13.50 13.96 -16.04
CA GLN A 53 -13.54 13.95 -16.05
C GLN A 53 -12.81 12.62 -16.08
N VAL A 54 -11.95 12.36 -15.07
CA VAL A 54 -11.21 11.11 -14.95
C VAL A 54 -11.29 10.52 -13.52
N GLU A 55 -11.35 9.19 -13.40
CA GLU A 55 -11.25 8.49 -12.13
C GLU A 55 -9.78 8.03 -12.05
N LEU A 56 -8.96 8.69 -11.26
CA LEU A 56 -7.54 8.37 -11.18
C LEU A 56 -7.22 7.48 -9.98
N ALA A 57 -6.91 6.21 -10.25
CA ALA A 57 -6.54 5.26 -9.19
C ALA A 57 -5.10 5.54 -8.73
N LEU A 58 -4.87 5.68 -7.43
CA LEU A 58 -3.54 6.01 -6.89
C LEU A 58 -2.94 4.83 -6.14
N TRP A 59 -1.66 4.55 -6.42
CA TRP A 59 -0.92 3.45 -5.79
C TRP A 59 0.47 3.90 -5.32
N ASP A 60 0.87 3.42 -4.14
CA ASP A 60 2.16 3.65 -3.52
C ASP A 60 3.02 2.38 -3.70
N THR A 61 4.34 2.56 -3.78
CA THR A 61 5.31 1.46 -3.84
C THR A 61 6.11 1.35 -2.50
N ALA A 62 5.81 2.16 -1.49
CA ALA A 62 6.51 2.13 -0.18
C ALA A 62 6.43 0.72 0.44
N GLY A 63 7.56 0.27 0.96
CA GLY A 63 7.74 -1.06 1.53
C GLY A 63 8.20 -2.10 0.50
N GLN A 64 8.14 -1.78 -0.81
CA GLN A 64 8.55 -2.72 -1.87
C GLN A 64 9.99 -2.47 -2.39
N GLU A 65 10.67 -1.43 -1.89
CA GLU A 65 12.00 -1.03 -2.37
C GLU A 65 13.08 -2.17 -2.31
N ASP A 66 13.05 -3.05 -1.29
CA ASP A 66 14.06 -4.13 -1.20
C ASP A 66 13.61 -5.44 -1.88
N TYR A 67 12.43 -5.49 -2.50
CA TYR A 67 11.90 -6.73 -3.07
C TYR A 67 11.71 -6.60 -4.58
N ASP A 68 12.76 -7.00 -5.35
CA ASP A 68 12.82 -6.83 -6.80
C ASP A 68 11.83 -7.68 -7.60
N ARG A 69 11.27 -8.72 -6.98
CA ARG A 69 10.25 -9.53 -7.66
C ARG A 69 8.84 -9.17 -7.21
N LEU A 70 8.68 -8.61 -6.00
CA LEU A 70 7.37 -8.16 -5.55
C LEU A 70 7.03 -6.80 -6.17
N ARG A 71 7.99 -5.84 -6.17
CA ARG A 71 7.79 -4.47 -6.61
C ARG A 71 7.21 -4.31 -8.04
N PRO A 72 7.67 -5.04 -9.08
CA PRO A 72 7.10 -4.86 -10.42
C PRO A 72 5.65 -5.30 -10.58
N LEU A 73 5.09 -6.03 -9.60
CA LEU A 73 3.66 -6.36 -9.63
C LEU A 73 2.75 -5.12 -9.47
N SER A 74 3.31 -3.99 -9.01
CA SER A 74 2.55 -2.76 -8.90
C SER A 74 2.41 -2.06 -10.27
N TYR A 75 3.27 -2.38 -11.26
CA TYR A 75 3.33 -1.67 -12.52
C TYR A 75 2.31 -2.01 -13.64
N PRO A 76 1.75 -3.24 -13.80
CA PRO A 76 0.86 -3.48 -14.95
C PRO A 76 -0.25 -2.45 -15.18
N ASP A 77 -0.46 -2.08 -16.45
CA ASP A 77 -1.50 -1.14 -16.89
C ASP A 77 -1.38 0.25 -16.29
N THR A 78 -0.16 0.66 -15.88
CA THR A 78 0.01 2.01 -15.32
C THR A 78 -0.13 3.03 -16.47
N ASP A 79 -0.84 4.15 -16.25
CA ASP A 79 -1.05 5.20 -17.24
C ASP A 79 -0.12 6.40 -17.03
N VAL A 80 0.34 6.63 -15.80
CA VAL A 80 1.26 7.73 -15.52
C VAL A 80 2.13 7.38 -14.28
N ILE A 81 3.41 7.74 -14.31
CA ILE A 81 4.31 7.51 -13.18
C ILE A 81 4.68 8.84 -12.51
N LEU A 82 4.61 8.90 -11.19
CA LEU A 82 5.18 10.04 -10.47
C LEU A 82 6.54 9.52 -9.93
N MET A 83 7.66 10.10 -10.36
CA MET A 83 8.98 9.67 -9.92
CA MET A 83 9.01 9.70 -9.96
C MET A 83 9.46 10.72 -8.93
N CYS A 84 9.50 10.33 -7.66
CA CYS A 84 9.74 11.24 -6.59
CA CYS A 84 9.74 11.25 -6.57
C CYS A 84 11.14 11.21 -5.98
N PHE A 85 11.60 12.38 -5.55
CA PHE A 85 12.83 12.60 -4.79
C PHE A 85 12.49 13.67 -3.76
N SER A 86 13.31 13.80 -2.71
CA SER A 86 13.09 14.84 -1.72
C SER A 86 14.10 15.96 -1.95
N ILE A 87 13.65 17.22 -1.95
CA ILE A 87 14.51 18.39 -2.08
C ILE A 87 15.52 18.50 -0.92
N ASP A 88 15.16 17.98 0.28
CA ASP A 88 16.10 17.94 1.41
C ASP A 88 17.10 16.76 1.29
N SER A 89 17.09 16.01 0.16
CA SER A 89 17.97 14.86 0.00
C SER A 89 18.58 14.71 -1.37
N PRO A 90 19.75 15.32 -1.61
CA PRO A 90 20.44 15.12 -2.89
C PRO A 90 20.74 13.65 -3.20
N ASP A 91 20.83 12.78 -2.18
CA ASP A 91 21.07 11.35 -2.41
C ASP A 91 19.87 10.68 -3.09
N SER A 92 18.63 11.12 -2.76
CA SER A 92 17.44 10.55 -3.42
C SER A 92 17.37 10.95 -4.91
N LEU A 93 17.95 12.11 -5.27
CA LEU A 93 17.96 12.58 -6.65
C LEU A 93 18.97 11.79 -7.48
N GLU A 94 20.14 11.45 -6.88
CA GLU A 94 21.20 10.66 -7.50
C GLU A 94 20.72 9.22 -7.85
N ASN A 95 19.80 8.67 -7.07
CA ASN A 95 19.26 7.32 -7.33
C ASN A 95 18.22 7.29 -8.48
N ILE A 96 17.73 8.46 -8.92
CA ILE A 96 16.75 8.53 -9.99
C ILE A 96 17.26 8.00 -11.35
N PRO A 97 18.41 8.46 -11.91
CA PRO A 97 18.76 8.06 -13.28
C PRO A 97 19.21 6.62 -13.52
N GLU A 98 19.81 5.93 -12.54
CA GLU A 98 20.29 4.58 -12.81
C GLU A 98 19.63 3.46 -12.01
N LYS A 99 18.68 3.77 -11.11
CA LYS A 99 17.97 2.71 -10.39
C LYS A 99 16.50 2.73 -10.81
N TRP A 100 15.77 3.80 -10.49
CA TRP A 100 14.36 3.92 -10.81
C TRP A 100 14.01 4.11 -12.27
N THR A 101 14.72 5.00 -12.97
CA THR A 101 14.39 5.28 -14.36
C THR A 101 14.50 4.04 -15.27
N PRO A 102 15.61 3.27 -15.30
CA PRO A 102 15.64 2.08 -16.17
C PRO A 102 14.59 1.02 -15.78
N GLU A 103 14.20 0.96 -14.50
CA GLU A 103 13.18 0.00 -14.04
C GLU A 103 11.79 0.40 -14.58
N VAL A 104 11.44 1.69 -14.46
CA VAL A 104 10.16 2.20 -14.92
C VAL A 104 10.08 2.14 -16.46
N LYS A 105 11.19 2.41 -17.17
CA LYS A 105 11.17 2.31 -18.63
C LYS A 105 11.02 0.86 -19.11
N HIS A 106 11.51 -0.12 -18.33
CA HIS A 106 11.39 -1.54 -18.67
C HIS A 106 9.95 -2.07 -18.47
N PHE A 107 9.38 -1.88 -17.26
CA PHE A 107 8.03 -2.40 -16.92
C PHE A 107 6.88 -1.50 -17.41
N CYS A 108 7.17 -0.21 -17.70
CA CYS A 108 6.16 0.74 -18.18
C CYS A 108 6.65 1.47 -19.44
N PRO A 109 6.89 0.73 -20.54
CA PRO A 109 7.42 1.41 -21.74
C PRO A 109 6.41 2.40 -22.32
N ASN A 110 6.90 3.58 -22.69
CA ASN A 110 6.07 4.62 -23.30
C ASN A 110 5.07 5.29 -22.32
N VAL A 111 5.21 5.05 -21.01
CA VAL A 111 4.33 5.67 -20.03
C VAL A 111 4.96 7.00 -19.63
N PRO A 112 4.22 8.13 -19.65
CA PRO A 112 4.85 9.40 -19.24
C PRO A 112 5.30 9.38 -17.78
N ILE A 113 6.48 9.93 -17.52
CA ILE A 113 7.03 10.04 -16.18
C ILE A 113 7.07 11.50 -15.78
N ILE A 114 6.52 11.87 -14.63
CA ILE A 114 6.64 13.24 -14.12
C ILE A 114 7.65 13.20 -12.96
N LEU A 115 8.77 13.94 -13.07
CA LEU A 115 9.75 13.97 -11.99
C LEU A 115 9.25 15.02 -10.98
N VAL A 116 9.05 14.60 -9.73
CA VAL A 116 8.52 15.48 -8.68
C VAL A 116 9.49 15.67 -7.53
N GLY A 117 9.83 16.94 -7.26
CA GLY A 117 10.67 17.31 -6.13
C GLY A 117 9.77 17.57 -4.95
N ASN A 118 9.77 16.67 -3.96
CA ASN A 118 8.94 16.77 -2.76
CA ASN A 118 8.90 16.83 -2.79
C ASN A 118 9.63 17.57 -1.66
N LYS A 119 8.87 18.04 -0.63
CA LYS A 119 9.41 18.77 0.52
C LYS A 119 10.10 20.08 0.14
N LYS A 120 9.52 20.79 -0.82
CA LYS A 120 10.11 22.07 -1.26
C LYS A 120 10.18 23.12 -0.14
N ASP A 121 9.36 22.95 0.92
CA ASP A 121 9.37 23.82 2.10
C ASP A 121 10.73 23.74 2.86
N LEU A 122 11.48 22.64 2.69
CA LEU A 122 12.75 22.47 3.39
C LEU A 122 13.97 23.10 2.67
N ARG A 123 13.76 23.67 1.48
CA ARG A 123 14.84 24.30 0.71
C ARG A 123 15.47 25.49 1.47
N ASN A 124 14.64 26.22 2.22
CA ASN A 124 15.11 27.35 3.00
C ASN A 124 14.87 27.11 4.51
N ASP A 125 15.04 25.85 4.94
CA ASP A 125 14.90 25.46 6.34
C ASP A 125 16.31 25.45 6.94
N GLU A 126 16.54 26.26 7.97
CA GLU A 126 17.87 26.38 8.56
C GLU A 126 18.39 25.07 9.14
N HIS A 127 17.54 24.27 9.78
CA HIS A 127 17.97 22.98 10.32
C HIS A 127 18.41 22.03 9.19
N THR A 128 17.67 22.02 8.07
CA THR A 128 18.02 21.19 6.92
C THR A 128 19.37 21.62 6.35
N ARG A 129 19.57 22.93 6.18
CA ARG A 129 20.83 23.44 5.62
C ARG A 129 22.05 23.16 6.49
N ARG A 130 21.89 23.20 7.82
CA ARG A 130 22.99 22.91 8.74
C ARG A 130 23.32 21.42 8.70
N GLU A 131 22.29 20.55 8.73
CA GLU A 131 22.46 19.09 8.69
C GLU A 131 23.15 18.58 7.43
N LEU A 132 22.74 19.08 6.24
CA LEU A 132 23.31 18.64 4.97
C LEU A 132 24.76 19.12 4.78
N ALA A 133 25.10 20.30 5.30
CA ALA A 133 26.47 20.85 5.19
C ALA A 133 27.54 19.99 5.89
N LYS A 134 27.13 19.10 6.81
CA LYS A 134 28.06 18.20 7.48
C LYS A 134 28.55 17.10 6.50
N MET A 135 27.66 16.67 5.57
CA MET A 135 28.04 15.68 4.56
C MET A 135 28.43 16.34 3.23
N LYS A 136 28.84 17.63 3.24
CA LYS A 136 29.21 18.45 2.08
C LYS A 136 28.10 18.55 1.04
N GLN A 137 26.85 18.68 1.51
CA GLN A 137 25.67 18.77 0.65
C GLN A 137 24.82 20.03 0.90
N GLU A 138 23.79 20.25 0.07
CA GLU A 138 22.84 21.36 0.21
C GLU A 138 21.47 20.99 -0.40
N PRO A 139 20.34 21.67 -0.05
CA PRO A 139 19.05 21.29 -0.64
C PRO A 139 19.09 21.36 -2.16
N VAL A 140 18.39 20.44 -2.85
CA VAL A 140 18.38 20.38 -4.32
C VAL A 140 17.85 21.70 -4.86
N LYS A 141 18.56 22.28 -5.82
CA LYS A 141 18.15 23.53 -6.43
C LYS A 141 17.11 23.24 -7.56
N PRO A 142 16.18 24.18 -7.85
CA PRO A 142 15.19 23.90 -8.91
C PRO A 142 15.81 23.55 -10.27
N GLU A 143 16.95 24.15 -10.64
CA GLU A 143 17.61 23.86 -11.91
C GLU A 143 18.24 22.48 -11.96
N GLU A 144 18.66 21.95 -10.81
CA GLU A 144 19.20 20.59 -10.72
C GLU A 144 18.08 19.57 -10.96
N GLY A 145 16.89 19.86 -10.44
CA GLY A 145 15.69 19.04 -10.66
C GLY A 145 15.30 19.05 -12.13
N ARG A 146 15.24 20.24 -12.76
CA ARG A 146 14.91 20.37 -14.18
C ARG A 146 15.92 19.62 -15.08
N ASP A 147 17.24 19.74 -14.80
CA ASP A 147 18.27 19.07 -15.58
C ASP A 147 18.12 17.56 -15.47
N MET A 148 17.81 17.04 -14.27
CA MET A 148 17.63 15.58 -14.10
C MET A 148 16.40 15.13 -14.90
N ALA A 149 15.32 15.92 -14.86
CA ALA A 149 14.10 15.58 -15.57
C ALA A 149 14.35 15.56 -17.09
N ASN A 150 15.11 16.53 -17.59
CA ASN A 150 15.45 16.60 -19.00
C ASN A 150 16.30 15.36 -19.39
N ARG A 151 17.32 15.04 -18.59
CA ARG A 151 18.19 13.88 -18.77
C ARG A 151 17.44 12.51 -18.85
N ILE A 152 16.46 12.27 -17.96
CA ILE A 152 15.74 11.01 -17.95
C ILE A 152 14.56 10.96 -18.96
N GLY A 153 14.33 12.03 -19.73
CA GLY A 153 13.24 12.05 -20.68
C GLY A 153 11.89 12.13 -20.00
N ALA A 154 11.83 12.81 -18.83
CA ALA A 154 10.57 13.01 -18.14
C ALA A 154 9.62 13.87 -19.01
N PHE A 155 8.31 13.61 -18.87
CA PHE A 155 7.23 14.38 -19.48
C PHE A 155 7.32 15.84 -18.97
N GLY A 156 7.64 16.01 -17.69
CA GLY A 156 7.79 17.31 -17.08
C GLY A 156 8.41 17.26 -15.71
N TYR A 157 8.72 18.43 -15.16
CA TYR A 157 9.32 18.57 -13.82
C TYR A 157 8.41 19.43 -12.98
N MET A 158 8.10 18.99 -11.77
CA MET A 158 7.23 19.74 -10.86
C MET A 158 7.76 19.64 -9.43
N GLU A 159 7.39 20.60 -8.59
CA GLU A 159 7.77 20.60 -7.18
C GLU A 159 6.52 20.80 -6.32
N CYS A 160 6.57 20.34 -5.07
CA CYS A 160 5.41 20.47 -4.18
C CYS A 160 5.86 20.31 -2.73
N SER A 161 4.95 20.62 -1.81
CA SER A 161 5.15 20.45 -0.39
C SER A 161 3.90 19.82 0.19
N ALA A 162 3.98 18.56 0.62
CA ALA A 162 2.83 17.90 1.24
C ALA A 162 2.47 18.60 2.56
N LYS A 163 3.48 19.12 3.28
CA LYS A 163 3.28 19.82 4.55
C LYS A 163 2.31 21.01 4.43
N THR A 164 2.54 21.91 3.48
CA THR A 164 1.69 23.08 3.28
C THR A 164 0.62 22.93 2.22
N LYS A 165 0.66 21.84 1.43
CA LYS A 165 -0.21 21.57 0.27
C LYS A 165 0.16 22.35 -1.02
N ASP A 166 1.13 23.30 -0.99
CA ASP A 166 1.46 24.06 -2.22
C ASP A 166 2.00 23.18 -3.34
N GLY A 167 1.35 23.25 -4.50
CA GLY A 167 1.77 22.48 -5.66
C GLY A 167 1.22 21.07 -5.75
N VAL A 168 0.56 20.58 -4.68
CA VAL A 168 0.04 19.21 -4.66
C VAL A 168 -1.08 19.01 -5.67
N ARG A 169 -2.12 19.85 -5.65
CA ARG A 169 -3.21 19.72 -6.62
C ARG A 169 -2.68 19.78 -8.09
N GLU A 170 -1.76 20.71 -8.35
CA GLU A 170 -1.16 20.89 -9.67
C GLU A 170 -0.46 19.62 -10.16
N VAL A 171 0.31 18.95 -9.28
CA VAL A 171 0.99 17.68 -9.63
C VAL A 171 -0.02 16.62 -10.13
N PHE A 172 -1.12 16.41 -9.40
CA PHE A 172 -2.09 15.38 -9.76
C PHE A 172 -2.94 15.78 -10.97
N GLU A 173 -3.23 17.07 -11.15
CA GLU A 173 -3.98 17.52 -12.33
C GLU A 173 -3.08 17.32 -13.58
N MET A 174 -1.77 17.62 -13.47
CA MET A 174 -0.85 17.40 -14.58
C MET A 174 -0.68 15.91 -14.87
N ALA A 175 -0.59 15.06 -13.83
CA ALA A 175 -0.52 13.60 -14.01
C ALA A 175 -1.72 13.09 -14.80
N THR A 176 -2.90 13.68 -14.54
CA THR A 176 -4.12 13.30 -15.21
C THR A 176 -4.06 13.66 -16.69
N ARG A 177 -3.60 14.89 -17.00
CA ARG A 177 -3.38 15.33 -18.37
C ARG A 177 -2.39 14.37 -19.09
N ALA A 178 -1.28 14.03 -18.44
CA ALA A 178 -0.30 13.13 -19.05
C ALA A 178 -0.91 11.74 -19.33
N ALA A 179 -1.72 11.21 -18.39
CA ALA A 179 -2.39 9.91 -18.55
C ALA A 179 -3.39 9.88 -19.72
N LEU A 180 -3.95 11.05 -20.09
CA LEU A 180 -4.92 11.19 -21.18
C LEU A 180 -4.28 11.29 -22.55
N GLN A 181 -2.98 11.67 -22.63
CA GLN A 181 -2.28 11.82 -23.92
C GLN A 181 -2.04 10.52 -24.67
N ALA A 182 -1.88 10.59 -26.01
CA ALA A 182 -1.60 9.42 -26.84
C ALA A 182 -0.14 8.98 -26.63
N SER B 1 -17.47 -7.64 6.71
CA SER B 1 -17.12 -6.74 7.80
CA SER B 1 -17.13 -6.72 7.79
C SER B 1 -18.37 -6.45 8.62
N MET B 2 -18.34 -6.80 9.90
CA MET B 2 -19.48 -6.61 10.78
C MET B 2 -19.51 -5.25 11.42
N GLU B 3 -20.71 -4.73 11.62
CA GLU B 3 -20.98 -3.41 12.17
C GLU B 3 -20.15 -3.08 13.45
N MET B 4 -20.06 -4.06 14.39
CA MET B 4 -19.32 -3.89 15.63
CA MET B 4 -19.32 -3.87 15.63
C MET B 4 -17.86 -3.48 15.37
N ASP B 5 -17.17 -4.19 14.48
CA ASP B 5 -15.77 -3.90 14.18
C ASP B 5 -15.61 -2.63 13.35
N GLU B 6 -16.55 -2.35 12.47
CA GLU B 6 -16.52 -1.14 11.64
C GLU B 6 -16.62 0.08 12.55
N LYS B 7 -17.57 0.08 13.48
CA LYS B 7 -17.75 1.17 14.41
C LYS B 7 -16.52 1.29 15.33
N ASP B 8 -15.98 0.17 15.84
CA ASP B 8 -14.79 0.24 16.71
C ASP B 8 -13.59 0.87 15.97
N PHE B 9 -13.53 0.72 14.64
CA PHE B 9 -12.42 1.25 13.86
C PHE B 9 -12.85 2.37 12.88
N ALA B 10 -13.91 3.10 13.21
CA ALA B 10 -14.44 4.19 12.38
C ALA B 10 -13.56 5.45 12.44
N ALA B 11 -13.01 5.76 13.63
CA ALA B 11 -12.19 6.96 13.82
C ALA B 11 -10.86 6.90 13.04
N ASP B 12 -10.32 8.07 12.64
CA ASP B 12 -9.04 8.11 11.92
C ASP B 12 -7.86 7.66 12.80
N SER B 13 -8.01 7.66 14.13
CA SER B 13 -6.95 7.25 15.04
C SER B 13 -7.48 6.70 16.38
N TRP B 14 -6.59 6.05 17.16
CA TRP B 14 -6.92 5.58 18.49
C TRP B 14 -7.30 6.78 19.39
N SER B 15 -6.56 7.90 19.27
CA SER B 15 -6.78 9.11 20.07
CA SER B 15 -6.76 9.13 20.04
C SER B 15 -8.15 9.73 19.83
N LEU B 16 -8.74 9.50 18.65
CA LEU B 16 -10.09 9.98 18.33
C LEU B 16 -11.13 8.88 18.59
N ALA B 17 -10.73 7.59 18.65
CA ALA B 17 -11.65 6.47 18.97
C ALA B 17 -12.00 6.42 20.48
N VAL B 18 -11.02 6.58 21.38
CA VAL B 18 -11.28 6.50 22.82
C VAL B 18 -11.96 7.75 23.38
N ASP B 19 -12.60 7.66 24.57
CA ASP B 19 -13.22 8.85 25.19
C ASP B 19 -12.10 9.85 25.52
N SER B 20 -12.32 11.15 25.28
CA SER B 20 -11.26 12.14 25.56
C SER B 20 -10.82 12.13 27.04
N SER B 21 -11.71 11.79 28.00
CA SER B 21 -11.31 11.70 29.41
C SER B 21 -10.36 10.52 29.68
N PHE B 22 -10.42 9.47 28.84
CA PHE B 22 -9.52 8.31 28.94
C PHE B 22 -8.17 8.66 28.27
N LEU B 23 -8.22 9.34 27.12
CA LEU B 23 -7.03 9.78 26.39
C LEU B 23 -6.13 10.65 27.30
N GLN B 24 -6.74 11.59 28.03
CA GLN B 24 -6.05 12.50 28.94
C GLN B 24 -5.31 11.80 30.09
N GLN B 25 -5.63 10.53 30.37
CA GLN B 25 -4.94 9.77 31.41
C GLN B 25 -3.61 9.15 30.95
N HIS B 26 -3.23 9.31 29.67
CA HIS B 26 -2.02 8.66 29.17
C HIS B 26 -0.92 9.61 28.74
N LYS B 27 0.31 9.14 28.88
CA LYS B 27 1.49 9.87 28.43
C LYS B 27 1.44 9.99 26.89
N LYS B 28 2.17 10.98 26.36
CA LYS B 28 2.26 11.25 24.93
C LYS B 28 2.78 10.03 24.18
N GLU B 29 3.84 9.37 24.71
CA GLU B 29 4.45 8.22 24.04
C GLU B 29 3.51 7.01 23.91
N VAL B 30 2.64 6.80 24.93
CA VAL B 30 1.65 5.72 24.90
C VAL B 30 0.59 6.03 23.86
N MET B 31 0.16 7.29 23.75
CA MET B 31 -0.79 7.70 22.70
C MET B 31 -0.21 7.41 21.30
N LYS B 32 1.06 7.79 21.05
CA LYS B 32 1.71 7.55 19.77
C LYS B 32 1.77 6.04 19.45
N GLN B 33 2.23 5.21 20.42
CA GLN B 33 2.25 3.74 20.25
C GLN B 33 0.84 3.19 19.90
N GLN B 34 -0.20 3.62 20.65
CA GLN B 34 -1.56 3.11 20.43
C GLN B 34 -2.16 3.54 19.08
N ASP B 35 -1.84 4.75 18.62
CA ASP B 35 -2.27 5.22 17.31
C ASP B 35 -1.72 4.33 16.19
N VAL B 36 -0.46 3.88 16.29
CA VAL B 36 0.14 3.03 15.23
C VAL B 36 -0.40 1.59 15.30
N ILE B 37 -0.62 1.07 16.52
CA ILE B 37 -1.20 -0.27 16.69
C ILE B 37 -2.63 -0.28 16.11
N TYR B 38 -3.39 0.79 16.38
CA TYR B 38 -4.75 0.96 15.87
C TYR B 38 -4.72 0.96 14.33
N GLU B 39 -3.73 1.65 13.71
CA GLU B 39 -3.60 1.66 12.26
C GLU B 39 -3.35 0.25 11.72
N LEU B 40 -2.46 -0.52 12.36
CA LEU B 40 -2.20 -1.92 11.96
C LEU B 40 -3.54 -2.74 11.97
N ILE B 41 -4.30 -2.68 13.08
CA ILE B 41 -5.53 -3.46 13.19
C ILE B 41 -6.61 -2.96 12.19
N GLN B 42 -6.78 -1.64 12.07
CA GLN B 42 -7.76 -1.05 11.13
C GLN B 42 -7.41 -1.45 9.68
N THR B 43 -6.11 -1.43 9.28
CA THR B 43 -5.74 -1.84 7.91
C THR B 43 -5.87 -3.38 7.74
N GLU B 44 -5.69 -4.16 8.82
CA GLU B 44 -5.91 -5.60 8.74
C GLU B 44 -7.40 -5.87 8.54
N LEU B 45 -8.29 -5.13 9.26
CA LEU B 45 -9.76 -5.26 9.11
C LEU B 45 -10.14 -4.99 7.62
N HIS B 46 -9.55 -3.95 7.01
CA HIS B 46 -9.81 -3.60 5.62
C HIS B 46 -9.29 -4.66 4.64
N HIS B 47 -8.16 -5.28 4.94
CA HIS B 47 -7.53 -6.30 4.09
C HIS B 47 -8.39 -7.59 4.09
N VAL B 48 -8.92 -7.96 5.27
CA VAL B 48 -9.83 -9.11 5.42
C VAL B 48 -11.12 -8.82 4.64
N ARG B 49 -11.62 -7.59 4.70
CA ARG B 49 -12.76 -7.13 3.91
C ARG B 49 -12.48 -7.27 2.38
N THR B 50 -11.29 -6.86 1.91
CA THR B 50 -10.88 -7.02 0.52
C THR B 50 -10.94 -8.51 0.11
N LEU B 51 -10.45 -9.41 0.97
CA LEU B 51 -10.47 -10.85 0.70
C LEU B 51 -11.93 -11.38 0.68
N LYS B 52 -12.83 -10.85 1.53
CA LYS B 52 -14.25 -11.25 1.50
C LYS B 52 -14.95 -10.75 0.21
N ILE B 53 -14.58 -9.58 -0.31
CA ILE B 53 -15.16 -9.10 -1.58
C ILE B 53 -14.75 -10.08 -2.71
N MET B 54 -13.48 -10.50 -2.71
CA MET B 54 -12.97 -11.46 -3.71
C MET B 54 -13.68 -12.82 -3.58
N THR B 55 -13.82 -13.38 -2.36
CA THR B 55 -14.47 -14.69 -2.21
C THR B 55 -15.99 -14.64 -2.38
N ARG B 56 -16.66 -13.73 -1.66
CA ARG B 56 -18.13 -13.70 -1.64
C ARG B 56 -18.78 -12.92 -2.79
N LEU B 57 -18.31 -11.72 -3.07
CA LEU B 57 -18.90 -10.91 -4.15
C LEU B 57 -18.48 -11.41 -5.57
N PHE B 58 -17.19 -11.45 -5.85
CA PHE B 58 -16.70 -11.86 -7.16
C PHE B 58 -16.73 -13.38 -7.44
N ARG B 59 -15.92 -14.17 -6.74
CA ARG B 59 -15.77 -15.60 -6.97
C ARG B 59 -17.12 -16.35 -6.93
N THR B 60 -17.87 -16.21 -5.82
CA THR B 60 -19.14 -16.89 -5.65
C THR B 60 -20.23 -16.39 -6.63
N GLY B 61 -20.21 -15.11 -6.98
CA GLY B 61 -21.16 -14.58 -7.96
C GLY B 61 -20.91 -15.16 -9.34
N MET B 62 -19.64 -15.33 -9.71
CA MET B 62 -19.28 -15.91 -11.01
C MET B 62 -19.68 -17.38 -11.05
N LEU B 63 -19.49 -18.11 -9.94
CA LEU B 63 -19.88 -19.52 -9.90
C LEU B 63 -21.41 -19.72 -9.94
N GLU B 64 -22.15 -18.94 -9.15
CA GLU B 64 -23.60 -19.14 -9.04
C GLU B 64 -24.45 -18.43 -10.06
N GLU B 65 -24.00 -17.30 -10.58
CA GLU B 65 -24.79 -16.51 -11.51
C GLU B 65 -24.33 -16.66 -12.96
N LEU B 66 -23.04 -16.72 -13.21
CA LEU B 66 -22.51 -16.92 -14.56
C LEU B 66 -22.28 -18.39 -14.90
N HIS B 67 -22.20 -19.25 -13.85
CA HIS B 67 -21.91 -20.67 -13.95
C HIS B 67 -20.57 -20.90 -14.63
N LEU B 68 -19.58 -20.06 -14.30
CA LEU B 68 -18.25 -20.20 -14.88
C LEU B 68 -17.58 -21.48 -14.37
N GLU B 69 -16.73 -22.07 -15.22
CA GLU B 69 -15.98 -23.28 -14.92
C GLU B 69 -15.08 -23.01 -13.69
N PRO B 70 -15.06 -23.94 -12.70
CA PRO B 70 -14.22 -23.71 -11.50
C PRO B 70 -12.76 -23.39 -11.80
N GLY B 71 -12.20 -23.95 -12.90
CA GLY B 71 -10.83 -23.70 -13.33
C GLY B 71 -10.60 -22.27 -13.80
N VAL B 72 -11.60 -21.65 -14.45
CA VAL B 72 -11.49 -20.25 -14.87
C VAL B 72 -11.52 -19.34 -13.62
N VAL B 73 -12.48 -19.58 -12.71
CA VAL B 73 -12.60 -18.81 -11.48
C VAL B 73 -11.34 -18.93 -10.60
N GLN B 74 -10.73 -20.14 -10.55
CA GLN B 74 -9.50 -20.38 -9.81
CA GLN B 74 -9.49 -20.40 -9.82
C GLN B 74 -8.35 -19.55 -10.38
N GLY B 75 -8.28 -19.43 -11.70
CA GLY B 75 -7.27 -18.63 -12.38
C GLY B 75 -7.40 -17.14 -12.09
N LEU B 76 -8.64 -16.67 -11.90
CA LEU B 76 -8.91 -15.26 -11.62
C LEU B 76 -8.59 -14.93 -10.16
N PHE B 77 -8.89 -15.86 -9.23
CA PHE B 77 -8.69 -15.65 -7.79
C PHE B 77 -7.85 -16.76 -7.18
N PRO B 78 -6.55 -16.85 -7.54
CA PRO B 78 -5.74 -17.93 -6.98
C PRO B 78 -5.57 -17.77 -5.47
N CYS B 79 -5.61 -18.90 -4.73
CA CYS B 79 -5.34 -19.01 -3.28
C CYS B 79 -6.22 -18.15 -2.36
N VAL B 80 -7.35 -17.61 -2.86
CA VAL B 80 -8.17 -16.69 -2.06
CA VAL B 80 -8.16 -16.68 -2.10
C VAL B 80 -8.71 -17.29 -0.78
N ASP B 81 -9.06 -18.60 -0.76
CA ASP B 81 -9.57 -19.24 0.47
C ASP B 81 -8.44 -19.38 1.50
N GLU B 82 -7.23 -19.75 1.06
CA GLU B 82 -6.09 -19.89 1.96
CA GLU B 82 -6.11 -19.89 1.98
C GLU B 82 -5.73 -18.52 2.54
N LEU B 83 -5.69 -17.47 1.68
CA LEU B 83 -5.37 -16.11 2.10
C LEU B 83 -6.38 -15.63 3.14
N SER B 84 -7.67 -15.89 2.87
CA SER B 84 -8.73 -15.46 3.77
C SER B 84 -8.60 -16.19 5.11
N ASP B 85 -8.23 -17.47 5.09
CA ASP B 85 -8.02 -18.24 6.32
C ASP B 85 -6.86 -17.68 7.17
N ILE B 86 -5.72 -17.39 6.55
CA ILE B 86 -4.57 -16.79 7.25
C ILE B 86 -4.95 -15.45 7.95
N HIS B 87 -5.54 -14.51 7.19
CA HIS B 87 -5.78 -13.18 7.69
C HIS B 87 -6.98 -13.07 8.58
N THR B 88 -8.01 -13.91 8.41
CA THR B 88 -9.16 -13.90 9.34
C THR B 88 -8.69 -14.40 10.75
N ARG B 89 -7.78 -15.38 10.77
CA ARG B 89 -7.24 -15.87 12.02
C ARG B 89 -6.39 -14.79 12.71
N PHE B 90 -5.52 -14.10 11.95
CA PHE B 90 -4.65 -13.06 12.48
C PHE B 90 -5.50 -11.89 12.98
N LEU B 91 -6.54 -11.50 12.21
CA LEU B 91 -7.46 -10.43 12.61
C LEU B 91 -8.19 -10.84 13.92
N SER B 92 -8.62 -12.11 14.03
CA SER B 92 -9.30 -12.57 15.23
CA SER B 92 -9.29 -12.58 15.23
C SER B 92 -8.40 -12.42 16.47
N GLN B 93 -7.11 -12.78 16.35
CA GLN B 93 -6.15 -12.64 17.45
C GLN B 93 -5.92 -11.16 17.84
N LEU B 94 -5.86 -10.27 16.82
CA LEU B 94 -5.65 -8.84 17.07
C LEU B 94 -6.86 -8.25 17.83
N LEU B 95 -8.09 -8.53 17.33
CA LEU B 95 -9.33 -8.06 17.93
C LEU B 95 -9.56 -8.66 19.33
N GLU B 96 -9.11 -9.92 19.57
CA GLU B 96 -9.22 -10.52 20.91
C GLU B 96 -8.29 -9.82 21.95
N ARG B 97 -7.08 -9.42 21.52
CA ARG B 97 -6.14 -8.69 22.37
C ARG B 97 -6.78 -7.32 22.76
N ARG B 98 -7.43 -6.64 21.79
CA ARG B 98 -8.13 -5.39 22.04
C ARG B 98 -9.31 -5.61 23.01
N ARG B 99 -10.13 -6.64 22.74
CA ARG B 99 -11.28 -6.94 23.60
CA ARG B 99 -11.28 -6.95 23.60
C ARG B 99 -10.90 -7.20 25.07
N GLN B 100 -9.86 -8.00 25.30
CA GLN B 100 -9.38 -8.30 26.64
C GLN B 100 -8.86 -7.03 27.32
N ALA B 101 -8.30 -6.08 26.56
CA ALA B 101 -7.77 -4.85 27.15
C ALA B 101 -8.82 -3.81 27.50
N LEU B 102 -10.07 -3.96 27.05
CA LEU B 102 -11.11 -2.95 27.33
C LEU B 102 -11.36 -2.74 28.82
N CYS B 103 -11.55 -1.49 29.23
CA CYS B 103 -11.89 -1.18 30.62
C CYS B 103 -13.29 -1.68 30.90
N PRO B 104 -13.55 -2.25 32.09
CA PRO B 104 -14.94 -2.60 32.44
C PRO B 104 -15.86 -1.40 32.31
N GLY B 105 -17.02 -1.63 31.72
CA GLY B 105 -17.99 -0.58 31.44
C GLY B 105 -17.76 0.17 30.15
N SER B 106 -16.71 -0.17 29.37
CA SER B 106 -16.42 0.49 28.09
C SER B 106 -16.33 -0.49 26.93
N THR B 107 -16.76 -0.05 25.74
CA THR B 107 -16.55 -0.83 24.53
C THR B 107 -15.55 -0.10 23.57
N ARG B 108 -14.89 0.99 24.03
CA ARG B 108 -13.92 1.70 23.21
C ARG B 108 -12.60 2.05 23.90
N ASN B 109 -12.55 2.11 25.24
CA ASN B 109 -11.34 2.47 25.97
C ASN B 109 -10.44 1.27 26.28
N PHE B 110 -9.27 1.20 25.64
CA PHE B 110 -8.30 0.12 25.84
C PHE B 110 -6.88 0.61 25.57
N VAL B 111 -5.89 -0.14 26.07
CA VAL B 111 -4.48 0.06 25.77
C VAL B 111 -3.90 -1.36 25.52
N ILE B 112 -3.26 -1.60 24.38
CA ILE B 112 -2.61 -2.87 24.09
C ILE B 112 -1.10 -2.70 24.40
N HIS B 113 -0.63 -3.40 25.43
CA HIS B 113 0.77 -3.33 25.89
C HIS B 113 1.66 -4.44 25.33
N ARG B 114 1.09 -5.59 24.92
N ARG B 114 1.05 -5.57 25.00
CA ARG B 114 1.88 -6.76 24.53
CA ARG B 114 1.76 -6.73 24.53
C ARG B 114 1.70 -7.31 23.10
C ARG B 114 1.26 -7.10 23.14
N LEU B 115 1.74 -6.44 22.11
N LEU B 115 1.89 -6.54 22.11
CA LEU B 115 1.58 -6.84 20.71
CA LEU B 115 1.59 -6.85 20.72
C LEU B 115 2.71 -7.72 20.15
C LEU B 115 2.71 -7.72 20.15
N GLY B 116 3.95 -7.46 20.58
CA GLY B 116 5.12 -8.19 20.08
C GLY B 116 5.00 -9.70 20.02
N ASP B 117 4.51 -10.31 21.11
CA ASP B 117 4.36 -11.76 21.21
CA ASP B 117 4.37 -11.75 21.20
C ASP B 117 3.38 -12.29 20.18
N LEU B 118 2.31 -11.56 19.92
CA LEU B 118 1.29 -11.93 18.94
C LEU B 118 1.95 -11.92 17.53
N LEU B 119 2.73 -10.88 17.25
CA LEU B 119 3.43 -10.76 15.96
C LEU B 119 4.47 -11.85 15.78
N ILE B 120 5.22 -12.23 16.87
CA ILE B 120 6.21 -13.31 16.78
C ILE B 120 5.50 -14.62 16.43
N SER B 121 4.36 -14.90 17.06
CA SER B 121 3.60 -16.11 16.78
CA SER B 121 3.60 -16.11 16.78
C SER B 121 3.09 -16.14 15.32
N GLN B 122 2.57 -15.02 14.81
CA GLN B 122 2.05 -14.97 13.45
C GLN B 122 3.14 -15.16 12.38
N PHE B 123 4.32 -14.60 12.62
CA PHE B 123 5.41 -14.64 11.67
C PHE B 123 6.52 -15.67 12.00
N SER B 124 6.16 -16.75 12.70
CA SER B 124 7.08 -17.86 12.97
C SER B 124 6.29 -19.19 12.92
N GLY B 125 7.00 -20.33 12.92
CA GLY B 125 6.36 -21.65 12.89
C GLY B 125 5.46 -21.94 11.70
N PRO B 126 4.51 -22.86 11.89
CA PRO B 126 3.59 -23.24 10.80
C PRO B 126 2.80 -22.10 10.13
N SER B 127 2.42 -21.05 10.88
CA SER B 127 1.68 -19.95 10.26
C SER B 127 2.58 -19.17 9.30
N ALA B 128 3.87 -18.99 9.65
CA ALA B 128 4.81 -18.30 8.74
C ALA B 128 5.04 -19.16 7.49
N GLU B 129 5.14 -20.51 7.68
CA GLU B 129 5.33 -21.42 6.54
C GLU B 129 4.15 -21.34 5.58
N GLN B 130 2.93 -21.26 6.13
CA GLN B 130 1.72 -21.17 5.31
CA GLN B 130 1.69 -21.16 5.36
C GLN B 130 1.62 -19.81 4.61
N MET B 131 2.02 -18.73 5.28
CA MET B 131 2.02 -17.40 4.67
C MET B 131 3.02 -17.36 3.52
N CYS B 132 4.21 -17.95 3.72
CA CYS B 132 5.25 -17.98 2.68
C CYS B 132 4.80 -18.83 1.47
N LYS B 133 4.22 -20.00 1.73
CA LYS B 133 3.75 -20.87 0.66
C LYS B 133 2.61 -20.21 -0.15
N THR B 134 1.63 -19.63 0.54
CA THR B 134 0.46 -19.00 -0.06
C THR B 134 0.80 -17.73 -0.86
N TYR B 135 1.62 -16.84 -0.29
CA TYR B 135 2.01 -15.63 -1.02
C TYR B 135 2.97 -15.93 -2.19
N SER B 136 3.86 -16.93 -2.07
CA SER B 136 4.78 -17.30 -3.19
C SER B 136 3.94 -17.80 -4.37
N GLU B 137 2.87 -18.58 -4.09
CA GLU B 137 1.95 -19.10 -5.10
CA GLU B 137 1.99 -19.05 -5.14
C GLU B 137 1.09 -17.94 -5.68
N PHE B 138 0.46 -17.13 -4.80
CA PHE B 138 -0.42 -16.03 -5.24
C PHE B 138 0.32 -15.00 -6.11
N CYS B 139 1.47 -14.51 -5.64
CA CYS B 139 2.21 -13.49 -6.36
C CYS B 139 2.80 -14.02 -7.68
N SER B 140 3.08 -15.35 -7.76
CA SER B 140 3.54 -15.95 -9.02
C SER B 140 2.40 -16.09 -10.05
N ARG B 141 1.14 -16.04 -9.59
CA ARG B 141 -0.05 -16.16 -10.45
C ARG B 141 -0.77 -14.82 -10.72
N HIS B 142 -0.15 -13.71 -10.27
CA HIS B 142 -0.64 -12.34 -10.32
C HIS B 142 -0.85 -11.91 -11.77
N SER B 143 0.20 -11.96 -12.61
CA SER B 143 0.11 -11.58 -14.02
CA SER B 143 0.12 -11.57 -14.02
C SER B 143 -0.92 -12.39 -14.79
N LYS B 144 -0.96 -13.71 -14.56
CA LYS B 144 -1.89 -14.62 -15.22
C LYS B 144 -3.35 -14.23 -14.89
N ALA B 145 -3.63 -13.93 -13.61
CA ALA B 145 -4.96 -13.53 -13.15
C ALA B 145 -5.43 -12.25 -13.83
N LEU B 146 -4.56 -11.22 -13.94
CA LEU B 146 -4.91 -9.94 -14.58
C LEU B 146 -5.18 -10.11 -16.10
N LYS B 147 -4.38 -10.93 -16.76
CA LYS B 147 -4.54 -11.20 -18.18
C LYS B 147 -5.82 -11.98 -18.46
N LEU B 148 -6.14 -12.94 -17.60
CA LEU B 148 -7.36 -13.74 -17.72
C LEU B 148 -8.59 -12.85 -17.49
N TYR B 149 -8.52 -11.93 -16.53
CA TYR B 149 -9.60 -10.99 -16.26
C TYR B 149 -9.83 -10.09 -17.49
N LYS B 150 -8.75 -9.52 -18.05
CA LYS B 150 -8.89 -8.59 -19.18
C LYS B 150 -9.50 -9.27 -20.40
N GLU B 151 -9.12 -10.51 -20.67
CA GLU B 151 -9.63 -11.26 -21.81
CA GLU B 151 -9.65 -11.24 -21.81
C GLU B 151 -11.14 -11.52 -21.64
N LEU B 152 -11.54 -11.96 -20.46
CA LEU B 152 -12.96 -12.24 -20.17
C LEU B 152 -13.82 -10.97 -20.24
N TYR B 153 -13.32 -9.85 -19.69
CA TYR B 153 -14.07 -8.59 -19.71
C TYR B 153 -14.29 -8.10 -21.14
N ALA B 154 -13.28 -8.28 -22.01
CA ALA B 154 -13.37 -7.79 -23.38
C ALA B 154 -14.13 -8.70 -24.36
N ARG B 155 -14.17 -10.01 -24.10
CA ARG B 155 -14.82 -10.94 -25.02
CA ARG B 155 -14.77 -10.99 -25.00
C ARG B 155 -16.15 -11.53 -24.52
N ASP B 156 -16.43 -11.49 -23.21
CA ASP B 156 -17.69 -12.05 -22.69
C ASP B 156 -18.66 -10.98 -22.14
N LYS B 157 -19.80 -10.79 -22.87
CA LYS B 157 -20.87 -9.84 -22.55
C LYS B 157 -21.47 -10.03 -21.15
N ARG B 158 -21.84 -11.27 -20.80
CA ARG B 158 -22.42 -11.60 -19.51
C ARG B 158 -21.42 -11.34 -18.37
N PHE B 159 -20.12 -11.58 -18.62
CA PHE B 159 -19.06 -11.31 -17.64
C PHE B 159 -18.92 -9.79 -17.43
N GLN B 160 -18.90 -9.01 -18.53
CA GLN B 160 -18.81 -7.56 -18.43
C GLN B 160 -20.01 -6.98 -17.64
N GLN B 161 -21.25 -7.48 -17.90
CA GLN B 161 -22.46 -7.03 -17.22
C GLN B 161 -22.40 -7.38 -15.75
N PHE B 162 -21.91 -8.60 -15.42
CA PHE B 162 -21.75 -9.02 -14.03
C PHE B 162 -20.83 -8.05 -13.27
N ILE B 163 -19.66 -7.76 -13.84
CA ILE B 163 -18.66 -6.90 -13.23
C ILE B 163 -19.22 -5.50 -13.00
N ARG B 164 -19.84 -4.93 -14.05
CA ARG B 164 -20.44 -3.60 -13.99
C ARG B 164 -21.56 -3.55 -12.94
N LYS B 165 -22.33 -4.62 -12.82
CA LYS B 165 -23.40 -4.70 -11.83
C LYS B 165 -22.88 -4.73 -10.39
N VAL B 166 -21.96 -5.68 -10.07
CA VAL B 166 -21.50 -5.82 -8.70
C VAL B 166 -20.49 -4.74 -8.29
N THR B 167 -19.83 -4.06 -9.24
CA THR B 167 -18.90 -2.98 -8.86
C THR B 167 -19.52 -1.58 -8.92
N ARG B 168 -20.80 -1.47 -9.29
CA ARG B 168 -21.50 -0.17 -9.36
C ARG B 168 -21.65 0.57 -8.01
N PRO B 169 -21.95 -0.10 -6.87
CA PRO B 169 -22.09 0.64 -5.61
C PRO B 169 -20.86 1.45 -5.23
N ALA B 170 -21.07 2.64 -4.65
CA ALA B 170 -19.97 3.51 -4.25
C ALA B 170 -19.02 2.83 -3.23
N VAL B 171 -19.53 1.91 -2.38
CA VAL B 171 -18.66 1.22 -1.43
C VAL B 171 -17.63 0.32 -2.12
N LEU B 172 -17.81 -0.03 -3.42
CA LEU B 172 -16.86 -0.86 -4.17
C LEU B 172 -15.92 -0.01 -5.07
N LYS B 173 -15.94 1.32 -4.94
CA LYS B 173 -15.14 2.25 -5.78
C LYS B 173 -13.65 1.89 -5.91
N ARG B 174 -12.99 1.55 -4.80
CA ARG B 174 -11.58 1.18 -4.78
C ARG B 174 -11.36 -0.33 -4.97
N HIS B 175 -12.44 -1.13 -5.07
CA HIS B 175 -12.33 -2.58 -5.02
C HIS B 175 -12.79 -3.36 -6.26
N GLY B 176 -12.38 -2.91 -7.45
CA GLY B 176 -12.59 -3.73 -8.65
C GLY B 176 -11.70 -4.97 -8.57
N VAL B 177 -11.83 -5.91 -9.51
CA VAL B 177 -11.06 -7.16 -9.47
C VAL B 177 -9.53 -6.94 -9.43
N GLN B 178 -8.99 -6.18 -10.38
CA GLN B 178 -7.54 -5.94 -10.44
C GLN B 178 -7.04 -5.19 -9.21
N GLU B 179 -7.87 -4.26 -8.70
CA GLU B 179 -7.57 -3.45 -7.52
C GLU B 179 -7.45 -4.35 -6.30
N CYS B 180 -8.38 -5.31 -6.11
CA CYS B 180 -8.31 -6.27 -5.01
C CYS B 180 -7.03 -7.09 -5.08
N ILE B 181 -6.68 -7.58 -6.29
CA ILE B 181 -5.47 -8.38 -6.43
C ILE B 181 -4.21 -7.60 -6.01
N LEU B 182 -4.08 -6.33 -6.46
CA LEU B 182 -2.92 -5.52 -6.06
C LEU B 182 -2.97 -5.14 -4.57
N LEU B 183 -4.18 -4.87 -4.00
CA LEU B 183 -4.30 -4.59 -2.57
C LEU B 183 -3.71 -5.77 -1.72
N VAL B 184 -4.06 -7.01 -2.11
CA VAL B 184 -3.59 -8.23 -1.46
C VAL B 184 -2.07 -8.40 -1.64
N THR B 185 -1.56 -8.25 -2.88
CA THR B 185 -0.12 -8.35 -3.15
C THR B 185 0.68 -7.34 -2.31
N GLN B 186 0.17 -6.10 -2.20
CA GLN B 186 0.90 -5.05 -1.46
C GLN B 186 0.79 -5.16 0.06
N ARG B 187 -0.17 -5.96 0.56
CA ARG B 187 -0.40 -6.03 2.01
C ARG B 187 0.85 -6.46 2.79
N ILE B 188 1.52 -7.53 2.35
CA ILE B 188 2.66 -8.07 3.09
C ILE B 188 3.83 -7.07 3.27
N THR B 189 4.04 -6.19 2.29
CA THR B 189 5.12 -5.22 2.36
C THR B 189 4.73 -3.97 3.22
N LYS B 190 3.50 -3.90 3.73
CA LYS B 190 3.11 -2.83 4.66
C LYS B 190 3.53 -3.17 6.11
N TYR B 191 3.60 -4.47 6.46
CA TYR B 191 3.92 -4.90 7.83
C TYR B 191 5.23 -4.34 8.40
N PRO B 192 6.37 -4.39 7.69
CA PRO B 192 7.61 -3.83 8.27
C PRO B 192 7.49 -2.38 8.68
N LEU B 193 6.90 -1.51 7.84
CA LEU B 193 6.73 -0.07 8.11
CA LEU B 193 6.80 -0.08 8.20
C LEU B 193 5.90 0.14 9.41
N LEU B 194 4.78 -0.58 9.53
CA LEU B 194 3.89 -0.45 10.67
C LEU B 194 4.62 -0.94 11.94
N ILE B 195 5.27 -2.12 11.89
CA ILE B 195 6.01 -2.70 13.00
C ILE B 195 7.14 -1.78 13.46
N SER B 196 7.94 -1.25 12.50
CA SER B 196 9.04 -0.37 12.86
CA SER B 196 9.05 -0.36 12.89
CA SER B 196 9.04 -0.34 12.86
C SER B 196 8.55 0.90 13.59
N ARG B 197 7.39 1.46 13.16
CA ARG B 197 6.87 2.66 13.81
C ARG B 197 6.30 2.35 15.20
N ILE B 198 5.71 1.16 15.37
CA ILE B 198 5.23 0.72 16.69
C ILE B 198 6.44 0.56 17.64
N LEU B 199 7.52 -0.04 17.12
CA LEU B 199 8.77 -0.25 17.84
C LEU B 199 9.35 1.10 18.30
N GLN B 200 9.32 2.10 17.44
CA GLN B 200 9.80 3.45 17.75
C GLN B 200 9.17 4.02 19.03
N HIS B 201 7.91 3.65 19.29
CA HIS B 201 7.20 4.16 20.47
C HIS B 201 6.99 3.07 21.54
N SER B 202 7.84 2.04 21.57
CA SER B 202 7.68 0.93 22.51
C SER B 202 8.93 0.66 23.33
N HIS B 203 9.70 1.70 23.65
CA HIS B 203 10.94 1.52 24.42
C HIS B 203 10.71 1.48 25.96
N GLY B 204 9.52 1.86 26.43
CA GLY B 204 9.17 1.90 27.85
C GLY B 204 9.32 0.58 28.60
N ILE B 205 9.00 -0.55 27.95
CA ILE B 205 9.15 -1.88 28.53
CA ILE B 205 9.15 -1.88 28.54
C ILE B 205 10.18 -2.63 27.69
N GLU B 206 11.37 -2.88 28.24
CA GLU B 206 12.44 -3.55 27.49
C GLU B 206 12.02 -4.85 26.80
N GLU B 207 11.27 -5.71 27.50
CA GLU B 207 10.77 -6.94 26.88
C GLU B 207 9.90 -6.68 25.64
N GLU B 208 9.12 -5.57 25.64
CA GLU B 208 8.28 -5.25 24.49
C GLU B 208 9.13 -4.80 23.31
N ARG B 209 10.16 -3.99 23.59
CA ARG B 209 11.10 -3.54 22.59
C ARG B 209 11.81 -4.75 21.93
N GLN B 210 12.21 -5.74 22.74
CA GLN B 210 12.87 -6.95 22.25
C GLN B 210 11.91 -7.79 21.40
N ASP B 211 10.67 -7.99 21.86
CA ASP B 211 9.68 -8.75 21.09
C ASP B 211 9.36 -8.16 19.73
N LEU B 212 9.21 -6.83 19.64
CA LEU B 212 8.94 -6.18 18.37
C LEU B 212 10.17 -6.24 17.46
N THR B 213 11.39 -6.17 18.03
CA THR B 213 12.63 -6.28 17.26
C THR B 213 12.70 -7.68 16.64
N THR B 214 12.37 -8.74 17.42
CA THR B 214 12.32 -10.10 16.88
C THR B 214 11.23 -10.21 15.76
N ALA B 215 10.02 -9.68 16.01
CA ALA B 215 8.91 -9.72 15.04
C ALA B 215 9.27 -9.05 13.72
N LEU B 216 9.95 -7.90 13.79
CA LEU B 216 10.36 -7.16 12.60
C LEU B 216 11.32 -8.01 11.76
N GLY B 217 12.27 -8.66 12.43
CA GLY B 217 13.20 -9.58 11.76
C GLY B 217 12.49 -10.75 11.10
N LEU B 218 11.50 -11.35 11.80
CA LEU B 218 10.72 -12.46 11.24
C LEU B 218 9.91 -12.02 9.97
N VAL B 219 9.30 -10.83 10.00
CA VAL B 219 8.54 -10.33 8.84
C VAL B 219 9.49 -10.12 7.64
N LYS B 220 10.68 -9.55 7.90
CA LYS B 220 11.66 -9.35 6.85
C LYS B 220 12.14 -10.65 6.25
N GLU B 221 12.35 -11.70 7.09
CA GLU B 221 12.77 -13.03 6.62
CA GLU B 221 12.77 -13.01 6.58
C GLU B 221 11.68 -13.57 5.68
N LEU B 222 10.40 -13.50 6.13
CA LEU B 222 9.24 -13.97 5.34
C LEU B 222 9.21 -13.24 3.96
N LEU B 223 9.35 -11.91 3.96
CA LEU B 223 9.29 -11.15 2.70
C LEU B 223 10.43 -11.54 1.76
N SER B 224 11.65 -11.74 2.31
CA SER B 224 12.78 -12.13 1.48
CA SER B 224 12.79 -12.12 1.48
C SER B 224 12.54 -13.51 0.87
N ASN B 225 11.94 -14.44 1.66
CA ASN B 225 11.63 -15.80 1.18
C ASN B 225 10.59 -15.75 0.06
N VAL B 226 9.49 -15.00 0.26
CA VAL B 226 8.44 -14.87 -0.75
C VAL B 226 9.03 -14.26 -2.05
N ASP B 227 9.77 -13.14 -1.93
CA ASP B 227 10.40 -12.46 -3.04
C ASP B 227 11.28 -13.41 -3.86
N GLU B 228 12.05 -14.27 -3.16
CA GLU B 228 12.91 -15.25 -3.81
C GLU B 228 12.16 -16.44 -4.44
N GLY B 229 10.92 -16.72 -4.02
CA GLY B 229 10.16 -17.83 -4.59
C GLY B 229 9.16 -17.45 -5.68
N ILE B 230 9.24 -16.22 -6.19
CA ILE B 230 8.34 -15.71 -7.21
C ILE B 230 8.91 -15.83 -8.61
N TYR B 231 8.09 -16.32 -9.55
CA TYR B 231 8.36 -16.39 -10.97
C TYR B 231 6.99 -16.30 -11.65
N GLN B 232 6.74 -15.25 -12.45
CA GLN B 232 5.44 -15.06 -13.09
C GLN B 232 5.09 -16.17 -14.08
N LEU B 233 4.01 -16.89 -13.78
CA LEU B 233 3.49 -17.91 -14.66
C LEU B 233 2.85 -17.21 -15.86
N GLU B 234 2.99 -17.82 -17.03
CA GLU B 234 2.41 -17.25 -18.24
C GLU B 234 1.83 -18.35 -19.09
N LYS B 235 0.49 -18.35 -19.26
CA LYS B 235 -0.20 -19.34 -20.08
C LYS B 235 0.28 -19.23 -21.53
N GLY B 236 0.96 -20.27 -21.99
CA GLY B 236 1.53 -20.29 -23.32
C GLY B 236 3.04 -20.15 -23.36
N ALA B 237 3.67 -19.75 -22.24
CA ALA B 237 5.13 -19.61 -22.22
C ALA B 237 5.77 -20.99 -22.13
N ARG B 238 6.19 -21.51 -23.28
CA ARG B 238 6.83 -22.82 -23.41
C ARG B 238 8.05 -22.95 -22.48
N LEU B 239 8.38 -24.18 -22.05
CA LEU B 239 9.49 -24.41 -21.12
C LEU B 239 10.83 -23.84 -21.59
N GLN B 240 11.00 -23.63 -22.89
CA GLN B 240 12.21 -23.03 -23.44
C GLN B 240 12.44 -21.60 -22.88
N GLU B 241 11.37 -20.91 -22.44
CA GLU B 241 11.43 -19.54 -21.94
C GLU B 241 11.60 -19.41 -20.43
N ILE B 242 11.38 -20.50 -19.67
CA ILE B 242 11.46 -20.48 -18.20
C ILE B 242 12.90 -20.23 -17.69
N TYR B 243 13.89 -20.73 -18.44
CA TYR B 243 15.32 -20.69 -18.12
C TYR B 243 15.96 -19.29 -17.99
N ASN B 244 15.40 -18.26 -18.64
CA ASN B 244 16.00 -16.92 -18.61
C ASN B 244 15.19 -15.86 -17.84
N ARG B 245 14.89 -16.11 -16.55
CA ARG B 245 14.12 -15.16 -15.76
C ARG B 245 14.98 -14.09 -15.04
#